data_6ZAM
#
_entry.id   6ZAM
#
_cell.length_a   46.410
_cell.length_b   70.810
_cell.length_c   100.570
_cell.angle_alpha   90.000
_cell.angle_beta   90.000
_cell.angle_gamma   90.000
#
_symmetry.space_group_name_H-M   'P 21 21 21'
#
loop_
_entity.id
_entity.type
_entity.pdbx_description
1 polymer 'Isopenicillin N synthase'
2 non-polymer 'SULFATE ION'
3 non-polymer 'FE (III) ION'
4 non-polymer 1,1,1-tris(fluoranyl)propan-2-one
5 non-polymer 1,1,1-tris(fluoranyl)propane-2,2-diol
6 non-polymer L-D-(A-AMINOADIPOYL)-L-CYSTEINYL-D-VALINE
7 water water
#
_entity_poly.entity_id   1
_entity_poly.type   'polypeptide(L)'
_entity_poly.pdbx_seq_one_letter_code
;MGSVSKANVPKIDVSPLFGDDQAAKMRVAQQIDAASRDTGFFYAVNHGINVQRLCQKTKEFHMSITPEEKWDLAIRAYNK
EHQDQVRAGYYLSIPGKKAVESFCYLNPNFTPDHPRIQAKTPTHEVNVWPDETKHPGFQDFAEQYYWDVFGLSSALLKGY
ALALGKEENFFARHFKPDDTLASVVLIRYPYLDPYPEAAIKTAADGTKLSFEWHEDVSLITVLYQSNVQNLQVETAAGYQ
DIEADDTGYLINCGSYMAHLTNNYYKAPIHRVKWVNAERQSLPFFVNLGYDSVIDPFDPREPNGKSDREPLSYGDYLQNG
LVSLINKNGQT
;
_entity_poly.pdbx_strand_id   A
#
loop_
_chem_comp.id
_chem_comp.type
_chem_comp.name
_chem_comp.formula
ACV non-polymer L-D-(A-AMINOADIPOYL)-L-CYSTEINYL-D-VALINE 'C14 H25 N3 O6 S'
FE non-polymer 'FE (III) ION' 'Fe 3'
SO4 non-polymer 'SULFATE ION' 'O4 S -2'
W6X non-polymer 1,1,1-tris(fluoranyl)propan-2-one 'C3 H3 F3 O'
W6Z non-polymer 1,1,1-tris(fluoranyl)propane-2,2-diol 'C3 H5 F3 O2'
#
# COMPACT_ATOMS: atom_id res chain seq x y z
N VAL A 4 19.92 13.77 -10.46
CA VAL A 4 19.03 13.50 -9.34
C VAL A 4 19.77 12.73 -8.25
N SER A 5 19.72 13.26 -7.02
CA SER A 5 20.32 12.61 -5.85
C SER A 5 19.66 11.26 -5.59
N LYS A 6 20.46 10.29 -5.14
CA LYS A 6 19.91 9.02 -4.69
C LYS A 6 19.41 9.19 -3.26
N ALA A 7 18.16 8.80 -3.01
CA ALA A 7 17.59 8.90 -1.68
C ALA A 7 18.21 7.88 -0.74
N ASN A 8 18.40 8.27 0.52
N ASN A 8 18.41 8.29 0.51
CA ASN A 8 18.89 7.34 1.53
CA ASN A 8 18.81 7.37 1.58
C ASN A 8 17.72 6.44 1.96
C ASN A 8 17.64 6.45 1.89
N VAL A 9 17.77 5.19 1.51
CA VAL A 9 16.74 4.20 1.82
C VAL A 9 17.47 2.98 2.37
N PRO A 10 17.61 2.89 3.68
CA PRO A 10 18.39 1.80 4.26
C PRO A 10 17.67 0.48 4.13
N LYS A 11 18.45 -0.58 4.10
CA LYS A 11 17.94 -1.94 4.18
C LYS A 11 18.00 -2.37 5.63
N ILE A 12 16.84 -2.72 6.18
CA ILE A 12 16.70 -3.10 7.59
C ILE A 12 16.31 -4.57 7.65
N ASP A 13 17.11 -5.37 8.34
CA ASP A 13 16.77 -6.78 8.59
C ASP A 13 15.70 -6.83 9.66
N VAL A 14 14.47 -7.14 9.25
CA VAL A 14 13.34 -7.11 10.16
C VAL A 14 13.07 -8.45 10.80
N SER A 15 13.90 -9.46 10.54
CA SER A 15 13.60 -10.78 11.05
C SER A 15 13.50 -10.85 12.57
N PRO A 16 14.21 -10.05 13.37
CA PRO A 16 13.97 -10.13 14.82
C PRO A 16 12.55 -9.78 15.22
N LEU A 17 11.82 -9.03 14.40
CA LEU A 17 10.46 -8.66 14.77
C LEU A 17 9.51 -9.84 14.73
N PHE A 18 9.94 -10.98 14.21
CA PHE A 18 9.14 -12.19 14.22
C PHE A 18 9.43 -13.05 15.45
N GLY A 19 10.46 -12.71 16.23
CA GLY A 19 10.93 -13.56 17.30
C GLY A 19 10.73 -12.96 18.68
N ASP A 20 11.49 -13.50 19.63
CA ASP A 20 11.29 -13.20 21.06
C ASP A 20 12.52 -12.57 21.70
N ASP A 21 13.46 -12.06 20.90
CA ASP A 21 14.65 -11.38 21.40
C ASP A 21 14.33 -9.89 21.50
N GLN A 22 13.93 -9.45 22.69
CA GLN A 22 13.40 -8.09 22.83
C GLN A 22 14.47 -7.04 22.58
N ALA A 23 15.71 -7.29 23.00
CA ALA A 23 16.77 -6.31 22.75
C ALA A 23 17.04 -6.20 21.25
N ALA A 24 17.07 -7.33 20.55
CA ALA A 24 17.27 -7.29 19.11
C ALA A 24 16.12 -6.55 18.43
N LYS A 25 14.90 -6.73 18.93
CA LYS A 25 13.77 -5.98 18.37
C LYS A 25 13.95 -4.48 18.57
N MET A 26 14.48 -4.05 19.73
CA MET A 26 14.69 -2.62 19.92
C MET A 26 15.76 -2.08 18.97
N ARG A 27 16.76 -2.88 18.63
CA ARG A 27 17.75 -2.40 17.66
C ARG A 27 17.14 -2.26 16.27
N VAL A 28 16.18 -3.11 15.90
CA VAL A 28 15.43 -2.89 14.65
C VAL A 28 14.59 -1.63 14.76
N ALA A 29 13.88 -1.48 15.89
CA ALA A 29 13.05 -0.31 16.07
C ALA A 29 13.86 0.98 15.91
N GLN A 30 15.09 1.01 16.43
CA GLN A 30 15.89 2.21 16.25
C GLN A 30 16.12 2.51 14.77
N GLN A 31 16.39 1.47 13.96
CA GLN A 31 16.59 1.69 12.54
C GLN A 31 15.32 2.20 11.87
N ILE A 32 14.16 1.70 12.29
CA ILE A 32 12.89 2.20 11.76
C ILE A 32 12.71 3.66 12.16
N ASP A 33 13.01 3.99 13.43
CA ASP A 33 12.95 5.38 13.88
C ASP A 33 13.82 6.29 13.02
N ALA A 34 15.06 5.88 12.77
CA ALA A 34 15.97 6.71 12.01
C ALA A 34 15.47 6.90 10.59
N ALA A 35 15.02 5.83 9.95
CA ALA A 35 14.56 5.96 8.58
C ALA A 35 13.31 6.81 8.51
N SER A 36 12.42 6.66 9.50
CA SER A 36 11.17 7.42 9.50
C SER A 36 11.40 8.91 9.74
N ARG A 37 12.48 9.25 10.46
CA ARG A 37 12.80 10.64 10.70
C ARG A 37 13.61 11.26 9.57
N ASP A 38 14.21 10.45 8.69
CA ASP A 38 15.02 10.93 7.57
C ASP A 38 14.14 11.00 6.33
N THR A 39 14.41 10.17 5.32
CA THR A 39 13.63 10.26 4.08
C THR A 39 12.22 9.70 4.23
N GLY A 40 12.00 8.83 5.20
CA GLY A 40 10.71 8.22 5.39
C GLY A 40 10.51 6.92 4.66
N PHE A 41 11.55 6.37 4.06
CA PHE A 41 11.50 5.10 3.37
C PHE A 41 12.61 4.20 3.86
N PHE A 42 12.32 2.90 3.93
CA PHE A 42 13.36 1.89 4.10
C PHE A 42 12.93 0.62 3.37
N TYR A 43 13.90 -0.26 3.12
CA TYR A 43 13.60 -1.59 2.59
C TYR A 43 13.65 -2.57 3.75
N ALA A 44 12.56 -3.31 3.94
CA ALA A 44 12.54 -4.46 4.83
C ALA A 44 13.15 -5.65 4.11
N VAL A 45 14.21 -6.22 4.70
CA VAL A 45 14.83 -7.42 4.15
C VAL A 45 14.76 -8.52 5.20
N ASN A 46 14.99 -9.77 4.75
CA ASN A 46 14.81 -10.95 5.59
C ASN A 46 13.38 -10.98 6.14
N HIS A 47 12.42 -10.68 5.26
CA HIS A 47 11.01 -10.56 5.61
C HIS A 47 10.24 -11.87 5.48
N GLY A 48 10.84 -12.91 4.91
CA GLY A 48 10.23 -14.21 4.89
C GLY A 48 9.22 -14.47 3.78
N ILE A 49 8.90 -13.49 2.97
CA ILE A 49 7.89 -13.68 1.94
C ILE A 49 8.55 -14.09 0.62
N ASN A 50 7.91 -15.01 -0.09
CA ASN A 50 8.39 -15.43 -1.41
C ASN A 50 7.88 -14.45 -2.47
N VAL A 51 8.68 -13.42 -2.72
CA VAL A 51 8.27 -12.38 -3.65
C VAL A 51 8.47 -12.81 -5.10
N GLN A 52 9.41 -13.73 -5.38
CA GLN A 52 9.53 -14.25 -6.74
C GLN A 52 8.25 -14.97 -7.15
N ARG A 53 7.69 -15.77 -6.24
CA ARG A 53 6.44 -16.47 -6.56
C ARG A 53 5.28 -15.50 -6.68
N LEU A 54 5.23 -14.50 -5.80
CA LEU A 54 4.25 -13.43 -5.96
C LEU A 54 4.31 -12.85 -7.38
N CYS A 55 5.51 -12.53 -7.84
N CYS A 55 5.52 -12.54 -7.85
CA CYS A 55 5.66 -11.97 -9.18
CA CYS A 55 5.69 -12.00 -9.19
C CYS A 55 5.24 -12.99 -10.25
C CYS A 55 5.26 -12.99 -10.25
N GLN A 56 5.61 -14.26 -10.09
CA GLN A 56 5.23 -15.29 -11.05
C GLN A 56 3.71 -15.38 -11.19
N LYS A 57 2.99 -15.43 -10.05
CA LYS A 57 1.56 -15.63 -10.07
C LYS A 57 0.84 -14.37 -10.56
N THR A 58 1.33 -13.19 -10.16
N THR A 58 1.33 -13.19 -10.19
CA THR A 58 0.73 -11.94 -10.64
CA THR A 58 0.68 -11.97 -10.65
C THR A 58 0.92 -11.80 -12.15
C THR A 58 0.94 -11.72 -12.13
N LYS A 59 2.10 -12.14 -12.64
CA LYS A 59 2.33 -12.07 -14.08
C LYS A 59 1.39 -12.99 -14.83
N GLU A 60 1.21 -14.21 -14.32
N GLU A 60 1.22 -14.22 -14.34
CA GLU A 60 0.31 -15.15 -14.98
CA GLU A 60 0.31 -15.14 -15.00
C GLU A 60 -1.12 -14.58 -15.06
C GLU A 60 -1.10 -14.54 -15.08
N PHE A 61 -1.55 -13.92 -13.99
CA PHE A 61 -2.85 -13.25 -13.99
C PHE A 61 -2.91 -12.12 -15.00
N HIS A 62 -1.99 -11.17 -14.92
CA HIS A 62 -2.07 -9.98 -15.79
C HIS A 62 -1.99 -10.37 -17.25
N MET A 63 -1.24 -11.42 -17.56
CA MET A 63 -1.06 -11.84 -18.95
C MET A 63 -2.18 -12.74 -19.46
N SER A 64 -3.01 -13.28 -18.56
CA SER A 64 -4.10 -14.18 -18.89
C SER A 64 -5.43 -13.45 -18.99
N ILE A 65 -5.62 -12.39 -18.21
CA ILE A 65 -6.93 -11.78 -18.10
C ILE A 65 -7.32 -11.16 -19.43
N THR A 66 -8.60 -11.27 -19.78
CA THR A 66 -9.13 -10.81 -21.06
C THR A 66 -9.96 -9.55 -20.91
N PRO A 67 -10.14 -8.79 -21.97
CA PRO A 67 -11.00 -7.60 -21.89
C PRO A 67 -12.40 -7.92 -21.37
N GLU A 68 -12.95 -9.07 -21.77
CA GLU A 68 -14.25 -9.49 -21.27
C GLU A 68 -14.26 -9.61 -19.76
N GLU A 69 -13.24 -10.30 -19.20
N GLU A 69 -13.24 -10.29 -19.20
CA GLU A 69 -13.16 -10.48 -17.75
CA GLU A 69 -13.17 -10.47 -17.75
C GLU A 69 -13.01 -9.14 -17.04
C GLU A 69 -13.00 -9.14 -17.03
N LYS A 70 -12.25 -8.22 -17.63
CA LYS A 70 -12.03 -6.94 -16.97
C LYS A 70 -13.33 -6.18 -16.78
N TRP A 71 -14.20 -6.13 -17.80
CA TRP A 71 -15.51 -5.52 -17.57
C TRP A 71 -16.29 -6.27 -16.51
N ASP A 72 -16.23 -7.61 -16.54
CA ASP A 72 -17.04 -8.41 -15.63
C ASP A 72 -16.59 -8.26 -14.17
N LEU A 73 -15.34 -7.83 -13.96
CA LEU A 73 -14.79 -7.61 -12.63
C LEU A 73 -14.65 -6.14 -12.25
N ALA A 74 -15.09 -5.22 -13.12
CA ALA A 74 -14.71 -3.81 -12.99
C ALA A 74 -15.39 -3.12 -11.82
N ILE A 75 -14.65 -2.21 -11.19
CA ILE A 75 -15.24 -1.35 -10.17
C ILE A 75 -16.27 -0.41 -10.80
N ARG A 76 -17.06 0.24 -9.95
CA ARG A 76 -18.17 1.07 -10.43
C ARG A 76 -17.71 2.28 -11.23
N ALA A 77 -16.48 2.75 -11.03
CA ALA A 77 -15.99 3.85 -11.84
C ALA A 77 -15.91 3.50 -13.32
N TYR A 78 -15.80 2.21 -13.65
CA TYR A 78 -15.75 1.76 -15.02
C TYR A 78 -17.00 1.03 -15.44
N ASN A 79 -17.81 0.55 -14.50
CA ASN A 79 -18.96 -0.29 -14.83
C ASN A 79 -20.10 0.08 -13.89
N LYS A 80 -21.08 0.82 -14.41
CA LYS A 80 -22.17 1.30 -13.56
C LYS A 80 -23.03 0.17 -13.00
N GLU A 81 -22.94 -1.04 -13.56
CA GLU A 81 -23.73 -2.15 -13.04
C GLU A 81 -23.23 -2.62 -11.68
N HIS A 82 -22.03 -2.21 -11.29
CA HIS A 82 -21.37 -2.79 -10.12
C HIS A 82 -21.33 -1.78 -8.99
N GLN A 83 -22.51 -1.33 -8.54
CA GLN A 83 -22.53 -0.24 -7.57
C GLN A 83 -21.92 -0.59 -6.22
N ASP A 84 -21.82 -1.87 -5.87
CA ASP A 84 -21.20 -2.26 -4.61
C ASP A 84 -19.68 -2.28 -4.67
N GLN A 85 -19.10 -2.19 -5.87
CA GLN A 85 -17.65 -2.27 -6.06
C GLN A 85 -17.07 -0.88 -6.14
N VAL A 86 -16.71 -0.33 -5.00
CA VAL A 86 -16.03 0.95 -4.97
C VAL A 86 -14.53 0.74 -4.97
N ARG A 87 -14.06 -0.16 -4.10
CA ARG A 87 -12.65 -0.44 -3.89
C ARG A 87 -12.17 -1.69 -4.61
N ALA A 88 -12.90 -2.80 -4.47
CA ALA A 88 -12.44 -4.11 -4.90
C ALA A 88 -12.87 -4.41 -6.33
N GLY A 89 -11.93 -4.86 -7.15
CA GLY A 89 -12.16 -5.32 -8.49
C GLY A 89 -11.14 -4.77 -9.45
N TYR A 90 -11.52 -4.76 -10.72
CA TYR A 90 -10.59 -4.37 -11.78
C TYR A 90 -10.69 -2.89 -12.11
N TYR A 91 -9.52 -2.27 -12.29
CA TYR A 91 -9.40 -0.86 -12.66
C TYR A 91 -8.80 -0.87 -14.07
N LEU A 92 -9.60 -0.53 -15.09
CA LEU A 92 -9.19 -0.71 -16.46
C LEU A 92 -8.25 0.39 -16.93
N SER A 93 -7.40 0.01 -17.89
CA SER A 93 -6.65 0.99 -18.66
C SER A 93 -7.57 1.65 -19.66
N ILE A 94 -7.11 2.76 -20.20
CA ILE A 94 -7.81 3.42 -21.31
C ILE A 94 -6.77 3.60 -22.40
N PRO A 95 -6.63 2.66 -23.34
CA PRO A 95 -5.56 2.77 -24.34
C PRO A 95 -5.61 4.12 -25.03
N GLY A 96 -4.44 4.73 -25.17
CA GLY A 96 -4.31 6.07 -25.69
C GLY A 96 -4.38 7.17 -24.65
N LYS A 97 -4.80 6.85 -23.42
CA LYS A 97 -5.08 7.88 -22.41
C LYS A 97 -4.57 7.53 -21.01
N LYS A 98 -4.70 6.27 -20.63
CA LYS A 98 -4.37 5.85 -19.26
C LYS A 98 -3.73 4.48 -19.38
N ALA A 99 -2.47 4.39 -19.00
CA ALA A 99 -1.74 3.17 -19.30
C ALA A 99 -1.91 2.11 -18.21
N VAL A 100 -1.89 2.54 -16.95
CA VAL A 100 -1.91 1.61 -15.83
C VAL A 100 -3.26 0.92 -15.73
N GLU A 101 -3.24 -0.33 -15.28
CA GLU A 101 -4.43 -1.06 -14.93
C GLU A 101 -4.12 -1.90 -13.69
N SER A 102 -5.15 -2.29 -12.96
CA SER A 102 -4.87 -2.97 -11.70
C SER A 102 -6.08 -3.76 -11.22
N PHE A 103 -5.82 -4.61 -10.22
CA PHE A 103 -6.84 -5.43 -9.57
C PHE A 103 -6.63 -5.27 -8.07
N CYS A 104 -7.67 -4.84 -7.36
CA CYS A 104 -7.62 -4.60 -5.93
C CYS A 104 -8.50 -5.61 -5.22
N TYR A 105 -8.00 -6.14 -4.12
CA TYR A 105 -8.83 -6.94 -3.25
C TYR A 105 -8.56 -6.59 -1.79
N LEU A 106 -9.58 -6.90 -0.97
CA LEU A 106 -9.63 -6.57 0.45
C LEU A 106 -9.52 -7.84 1.28
N ASN A 107 -9.74 -7.68 2.57
CA ASN A 107 -9.75 -8.76 3.53
C ASN A 107 -10.60 -9.93 3.05
N PRO A 108 -10.03 -11.12 2.89
CA PRO A 108 -10.84 -12.28 2.48
C PRO A 108 -11.92 -12.63 3.48
N ASN A 109 -11.80 -12.18 4.72
CA ASN A 109 -12.83 -12.43 5.73
C ASN A 109 -14.05 -11.54 5.56
N PHE A 110 -14.03 -10.60 4.61
CA PHE A 110 -15.23 -9.81 4.31
C PHE A 110 -16.09 -10.67 3.40
N THR A 111 -16.84 -11.57 4.02
CA THR A 111 -17.73 -12.50 3.37
C THR A 111 -19.15 -11.98 3.44
N PRO A 112 -20.08 -12.59 2.70
CA PRO A 112 -21.46 -12.08 2.72
C PRO A 112 -22.07 -12.00 4.11
N ASP A 113 -21.69 -12.89 5.03
CA ASP A 113 -22.23 -12.92 6.38
C ASP A 113 -21.46 -12.05 7.37
N HIS A 114 -20.39 -11.38 6.96
CA HIS A 114 -19.62 -10.54 7.87
C HIS A 114 -20.51 -9.40 8.37
N PRO A 115 -20.47 -9.08 9.67
CA PRO A 115 -21.38 -8.04 10.19
C PRO A 115 -21.23 -6.70 9.49
N ARG A 116 -20.04 -6.32 9.04
CA ARG A 116 -19.89 -5.03 8.35
C ARG A 116 -20.41 -5.09 6.93
N ILE A 117 -20.39 -6.26 6.30
CA ILE A 117 -20.97 -6.40 4.97
C ILE A 117 -22.48 -6.40 5.08
N GLN A 118 -23.01 -7.10 6.08
CA GLN A 118 -24.45 -7.06 6.35
C GLN A 118 -24.92 -5.63 6.57
N ALA A 119 -24.16 -4.84 7.32
CA ALA A 119 -24.52 -3.46 7.64
C ALA A 119 -24.30 -2.51 6.46
N LYS A 120 -23.60 -2.96 5.43
CA LYS A 120 -23.27 -2.09 4.30
C LYS A 120 -22.38 -0.93 4.72
N THR A 121 -21.48 -1.18 5.66
CA THR A 121 -20.62 -0.13 6.17
C THR A 121 -19.64 0.30 5.07
N PRO A 122 -19.48 1.60 4.81
CA PRO A 122 -18.53 2.04 3.78
C PRO A 122 -17.13 1.47 4.00
N THR A 123 -16.45 1.24 2.88
CA THR A 123 -15.09 0.74 2.72
C THR A 123 -15.00 -0.78 2.93
N HIS A 124 -16.09 -1.46 3.29
CA HIS A 124 -16.10 -2.92 3.37
C HIS A 124 -16.85 -3.47 2.15
N GLU A 125 -16.22 -4.42 1.45
CA GLU A 125 -16.80 -5.05 0.28
C GLU A 125 -16.36 -6.51 0.27
N VAL A 126 -17.17 -7.34 -0.40
CA VAL A 126 -16.80 -8.71 -0.71
C VAL A 126 -15.99 -8.74 -2.01
N ASN A 127 -14.81 -9.34 -1.94
CA ASN A 127 -13.96 -9.42 -3.13
C ASN A 127 -14.66 -10.12 -4.29
N VAL A 128 -14.31 -9.67 -5.50
CA VAL A 128 -14.70 -10.33 -6.75
C VAL A 128 -13.46 -11.00 -7.34
N TRP A 129 -13.67 -12.16 -7.97
CA TRP A 129 -12.58 -12.96 -8.51
C TRP A 129 -12.92 -13.44 -9.90
N PRO A 130 -11.92 -13.65 -10.75
CA PRO A 130 -12.17 -14.26 -12.05
C PRO A 130 -12.56 -15.72 -11.88
N ASP A 131 -13.00 -16.31 -13.00
N ASP A 131 -13.00 -16.32 -12.99
CA ASP A 131 -13.39 -17.72 -13.04
CA ASP A 131 -13.45 -17.71 -12.96
C ASP A 131 -12.20 -18.60 -12.67
C ASP A 131 -12.25 -18.62 -12.70
N GLU A 132 -12.44 -19.56 -11.77
CA GLU A 132 -11.36 -20.46 -11.39
C GLU A 132 -10.80 -21.25 -12.57
N THR A 133 -11.67 -21.67 -13.49
CA THR A 133 -11.21 -22.46 -14.64
C THR A 133 -10.30 -21.65 -15.55
N LYS A 134 -10.53 -20.35 -15.66
CA LYS A 134 -9.71 -19.49 -16.50
C LYS A 134 -8.42 -19.06 -15.81
N HIS A 135 -8.45 -18.97 -14.48
CA HIS A 135 -7.30 -18.54 -13.69
C HIS A 135 -7.05 -19.52 -12.56
N PRO A 136 -6.66 -20.76 -12.90
CA PRO A 136 -6.52 -21.77 -11.85
C PRO A 136 -5.53 -21.35 -10.78
N GLY A 137 -5.96 -21.47 -9.52
CA GLY A 137 -5.11 -21.21 -8.39
C GLY A 137 -4.95 -19.75 -8.05
N PHE A 138 -5.48 -18.83 -8.85
CA PHE A 138 -5.18 -17.42 -8.62
C PHE A 138 -5.82 -16.93 -7.33
N GLN A 139 -7.11 -17.20 -7.14
CA GLN A 139 -7.79 -16.72 -5.94
C GLN A 139 -7.12 -17.26 -4.69
N ASP A 140 -6.79 -18.56 -4.70
CA ASP A 140 -6.17 -19.17 -3.52
C ASP A 140 -4.81 -18.55 -3.26
N PHE A 141 -4.02 -18.35 -4.31
CA PHE A 141 -2.74 -17.72 -4.13
C PHE A 141 -2.91 -16.31 -3.57
N ALA A 142 -3.84 -15.53 -4.14
CA ALA A 142 -3.98 -14.14 -3.75
C ALA A 142 -4.47 -14.01 -2.30
N GLU A 143 -5.38 -14.89 -1.88
CA GLU A 143 -5.86 -14.85 -0.49
C GLU A 143 -4.75 -15.23 0.47
N GLN A 144 -3.95 -16.24 0.13
CA GLN A 144 -2.83 -16.58 0.99
C GLN A 144 -1.80 -15.46 1.04
N TYR A 145 -1.60 -14.78 -0.10
CA TYR A 145 -0.65 -13.67 -0.11
C TYR A 145 -1.11 -12.60 0.86
N TYR A 146 -2.41 -12.34 0.88
CA TYR A 146 -2.95 -11.37 1.83
C TYR A 146 -2.51 -11.69 3.25
N TRP A 147 -2.61 -12.97 3.64
CA TRP A 147 -2.25 -13.34 5.01
C TRP A 147 -0.73 -13.36 5.21
N ASP A 148 0.05 -13.67 4.18
CA ASP A 148 1.51 -13.59 4.30
C ASP A 148 1.96 -12.15 4.55
N VAL A 149 1.42 -11.20 3.77
CA VAL A 149 1.84 -9.81 3.92
C VAL A 149 1.19 -9.18 5.14
N PHE A 150 0.00 -9.66 5.53
CA PHE A 150 -0.56 -9.31 6.84
C PHE A 150 0.41 -9.66 7.95
N GLY A 151 0.99 -10.86 7.90
CA GLY A 151 1.95 -11.27 8.92
C GLY A 151 3.19 -10.40 8.96
N LEU A 152 3.75 -10.10 7.78
CA LEU A 152 4.89 -9.19 7.75
C LEU A 152 4.49 -7.84 8.33
N SER A 153 3.31 -7.35 7.96
CA SER A 153 2.90 -6.01 8.39
C SER A 153 2.70 -5.96 9.90
N SER A 154 2.19 -7.04 10.48
CA SER A 154 2.02 -7.10 11.92
C SER A 154 3.37 -6.97 12.60
N ALA A 155 4.35 -7.69 12.07
CA ALA A 155 5.71 -7.59 12.59
C ALA A 155 6.26 -6.18 12.46
N LEU A 156 6.08 -5.56 11.28
CA LEU A 156 6.56 -4.19 11.10
C LEU A 156 5.89 -3.25 12.09
N LEU A 157 4.59 -3.45 12.33
CA LEU A 157 3.89 -2.58 13.26
C LEU A 157 4.41 -2.73 14.68
N LYS A 158 4.90 -3.92 15.06
CA LYS A 158 5.56 -4.05 16.35
C LYS A 158 6.83 -3.20 16.39
N GLY A 159 7.57 -3.16 15.29
CA GLY A 159 8.76 -2.33 15.21
C GLY A 159 8.45 -0.85 15.31
N TYR A 160 7.41 -0.40 14.61
CA TYR A 160 7.03 1.01 14.69
C TYR A 160 6.58 1.37 16.10
N ALA A 161 5.84 0.48 16.74
CA ALA A 161 5.38 0.76 18.10
C ALA A 161 6.56 0.93 19.05
N LEU A 162 7.50 -0.02 19.02
CA LEU A 162 8.69 0.08 19.87
C LEU A 162 9.49 1.34 19.54
N ALA A 163 9.59 1.67 18.24
CA ALA A 163 10.31 2.87 17.81
C ALA A 163 9.72 4.13 18.43
N LEU A 164 8.41 4.15 18.66
CA LEU A 164 7.71 5.32 19.18
C LEU A 164 7.63 5.33 20.70
N GLY A 165 8.33 4.40 21.37
CA GLY A 165 8.30 4.33 22.82
C GLY A 165 7.10 3.62 23.39
N LYS A 166 6.40 2.83 22.60
CA LYS A 166 5.18 2.16 23.02
C LYS A 166 5.46 0.67 23.23
N GLU A 167 4.49 -0.05 23.80
CA GLU A 167 4.55 -1.50 23.83
C GLU A 167 4.32 -2.03 22.42
N GLU A 168 4.83 -3.24 22.16
CA GLU A 168 4.91 -3.70 20.79
C GLU A 168 3.54 -3.91 20.16
N ASN A 169 2.48 -4.11 20.94
N ASN A 169 2.49 -4.10 20.98
CA ASN A 169 1.18 -4.31 20.32
CA ASN A 169 1.13 -4.31 20.47
C ASN A 169 0.36 -3.03 20.23
C ASN A 169 0.36 -3.02 20.18
N PHE A 170 1.01 -1.86 20.32
CA PHE A 170 0.28 -0.60 20.30
C PHE A 170 -0.54 -0.39 19.02
N PHE A 171 0.04 -0.72 17.87
CA PHE A 171 -0.69 -0.64 16.60
C PHE A 171 -1.34 -1.97 16.27
N ALA A 172 -0.61 -3.05 16.49
CA ALA A 172 -1.03 -4.36 16.02
C ALA A 172 -2.32 -4.82 16.68
N ARG A 173 -2.60 -4.36 17.90
CA ARG A 173 -3.88 -4.72 18.53
C ARG A 173 -5.09 -4.19 17.76
N HIS A 174 -4.91 -3.22 16.86
CA HIS A 174 -5.98 -2.68 16.02
C HIS A 174 -5.94 -3.23 14.59
N PHE A 175 -5.06 -4.18 14.34
CA PHE A 175 -4.79 -4.74 13.01
C PHE A 175 -5.09 -6.22 13.13
N LYS A 176 -6.32 -6.61 12.83
CA LYS A 176 -6.83 -7.92 13.17
C LYS A 176 -7.41 -8.60 11.93
N PRO A 177 -7.24 -9.91 11.80
CA PRO A 177 -7.75 -10.58 10.61
C PRO A 177 -9.25 -10.41 10.42
N ASP A 178 -10.03 -10.31 11.48
CA ASP A 178 -11.47 -10.27 11.27
C ASP A 178 -11.95 -8.95 10.71
N ASP A 179 -11.19 -7.85 10.89
CA ASP A 179 -11.77 -6.58 10.48
C ASP A 179 -10.83 -5.60 9.80
N THR A 180 -9.57 -5.97 9.52
CA THR A 180 -8.69 -4.98 8.88
C THR A 180 -9.23 -4.54 7.52
N LEU A 181 -9.14 -3.24 7.26
CA LEU A 181 -9.48 -2.62 6.00
C LEU A 181 -8.30 -2.58 5.03
N ALA A 182 -7.24 -3.33 5.33
CA ALA A 182 -6.08 -3.38 4.45
C ALA A 182 -6.43 -3.90 3.06
N SER A 183 -5.72 -3.41 2.06
CA SER A 183 -5.95 -3.84 0.68
C SER A 183 -4.64 -4.23 0.01
N VAL A 184 -4.77 -5.14 -0.96
CA VAL A 184 -3.71 -5.47 -1.91
C VAL A 184 -4.12 -4.89 -3.25
N VAL A 185 -3.17 -4.30 -3.97
CA VAL A 185 -3.39 -3.88 -5.35
C VAL A 185 -2.33 -4.54 -6.22
N LEU A 186 -2.78 -5.22 -7.27
CA LEU A 186 -1.90 -5.84 -8.26
C LEU A 186 -1.87 -4.91 -9.45
N ILE A 187 -0.86 -4.03 -9.51
CA ILE A 187 -0.78 -3.02 -10.57
C ILE A 187 0.11 -3.50 -11.70
N ARG A 188 -0.38 -3.29 -12.92
CA ARG A 188 0.37 -3.54 -14.15
C ARG A 188 0.67 -2.20 -14.77
N TYR A 189 1.96 -1.88 -14.92
CA TYR A 189 2.42 -0.79 -15.75
C TYR A 189 2.94 -1.37 -17.04
N PRO A 190 2.39 -1.00 -18.19
CA PRO A 190 2.76 -1.66 -19.45
C PRO A 190 3.95 -1.00 -20.15
N TYR A 191 4.60 -1.82 -20.97
CA TYR A 191 5.39 -1.30 -22.09
C TYR A 191 4.44 -1.00 -23.26
N LEU A 192 4.58 0.20 -23.84
CA LEU A 192 3.77 0.61 -24.98
C LEU A 192 4.66 1.27 -26.02
N ASP A 193 4.49 0.87 -27.28
CA ASP A 193 5.22 1.46 -28.39
C ASP A 193 4.23 1.72 -29.50
N PRO A 194 3.83 2.98 -29.72
CA PRO A 194 4.28 4.19 -29.03
C PRO A 194 3.57 4.37 -27.70
N TYR A 195 4.20 5.09 -26.79
CA TYR A 195 3.58 5.39 -25.51
C TYR A 195 2.79 6.68 -25.63
N PRO A 196 1.47 6.66 -25.41
CA PRO A 196 0.68 7.88 -25.64
C PRO A 196 1.05 8.99 -24.65
N GLU A 197 1.32 10.17 -25.19
CA GLU A 197 1.62 11.32 -24.36
C GLU A 197 0.49 11.62 -23.39
N ALA A 198 -0.75 11.36 -23.77
CA ALA A 198 -1.85 11.65 -22.85
C ALA A 198 -1.75 10.84 -21.57
N ALA A 199 -1.02 9.72 -21.59
CA ALA A 199 -0.86 8.88 -20.41
C ALA A 199 0.38 9.24 -19.62
N ILE A 200 1.08 10.31 -20.00
CA ILE A 200 2.27 10.79 -19.31
C ILE A 200 1.94 12.15 -18.71
N LYS A 201 2.14 12.28 -17.41
CA LYS A 201 2.00 13.58 -16.76
C LYS A 201 3.37 14.23 -16.63
N THR A 202 3.36 15.55 -16.41
CA THR A 202 4.59 16.33 -16.32
C THR A 202 4.60 17.09 -15.00
N ALA A 203 5.63 16.86 -14.19
CA ALA A 203 5.77 17.56 -12.93
C ALA A 203 6.22 18.99 -13.15
N ALA A 204 6.04 19.83 -12.13
CA ALA A 204 6.48 21.22 -12.24
C ALA A 204 7.96 21.31 -12.63
N ASP A 205 8.79 20.38 -12.15
CA ASP A 205 10.20 20.38 -12.47
C ASP A 205 10.52 19.68 -13.79
N GLY A 206 9.50 19.33 -14.58
CA GLY A 206 9.69 18.76 -15.89
C GLY A 206 9.79 17.25 -15.94
N THR A 207 9.88 16.59 -14.79
CA THR A 207 9.97 15.14 -14.76
C THR A 207 8.70 14.51 -15.31
N LYS A 208 8.86 13.51 -16.18
CA LYS A 208 7.72 12.80 -16.73
C LYS A 208 7.27 11.75 -15.72
N LEU A 209 5.95 11.74 -15.46
CA LEU A 209 5.37 10.96 -14.38
C LEU A 209 4.24 10.07 -14.89
N SER A 210 4.05 8.95 -14.21
CA SER A 210 2.83 8.16 -14.29
C SER A 210 1.83 8.47 -13.17
N PHE A 211 2.31 8.95 -12.02
CA PHE A 211 1.43 9.26 -10.88
C PHE A 211 2.08 10.41 -10.12
N GLU A 212 1.29 11.44 -9.82
CA GLU A 212 1.79 12.68 -9.27
C GLU A 212 2.06 12.56 -7.77
N TRP A 213 2.63 13.62 -7.23
CA TRP A 213 2.99 13.68 -5.83
C TRP A 213 1.79 13.43 -4.94
N HIS A 214 2.03 12.73 -3.85
CA HIS A 214 0.99 12.41 -2.89
C HIS A 214 1.63 11.91 -1.61
N GLU A 215 0.82 11.94 -0.54
CA GLU A 215 1.05 11.17 0.66
C GLU A 215 0.11 9.96 0.64
N ASP A 216 0.52 8.87 1.28
CA ASP A 216 -0.29 7.66 1.23
C ASP A 216 -1.47 7.72 2.20
N VAL A 217 -2.57 7.11 1.78
CA VAL A 217 -3.73 6.87 2.65
C VAL A 217 -3.52 5.49 3.25
N SER A 218 -2.90 5.45 4.41
CA SER A 218 -2.51 4.23 5.09
C SER A 218 -1.96 4.59 6.45
N LEU A 219 -1.83 3.57 7.29
CA LEU A 219 -0.97 3.68 8.47
C LEU A 219 0.49 3.51 8.04
N ILE A 220 0.81 2.38 7.42
CA ILE A 220 2.03 2.20 6.65
C ILE A 220 1.67 1.52 5.35
N THR A 221 2.59 1.59 4.38
CA THR A 221 2.49 0.98 3.06
C THR A 221 3.64 0.01 2.91
N VAL A 222 3.34 -1.19 2.40
CA VAL A 222 4.26 -2.34 2.35
C VAL A 222 4.28 -2.80 0.90
N LEU A 223 5.32 -2.43 0.16
CA LEU A 223 5.29 -2.46 -1.30
C LEU A 223 6.35 -3.37 -1.90
N TYR A 224 5.92 -4.25 -2.80
CA TYR A 224 6.85 -4.96 -3.67
C TYR A 224 6.73 -4.38 -5.07
N GLN A 225 7.87 -4.19 -5.74
CA GLN A 225 7.91 -3.72 -7.12
C GLN A 225 8.96 -4.48 -7.89
N SER A 226 8.79 -4.50 -9.20
CA SER A 226 9.83 -4.98 -10.09
C SER A 226 11.13 -4.18 -9.90
N ASN A 227 12.22 -4.77 -10.39
CA ASN A 227 13.56 -4.20 -10.40
C ASN A 227 13.72 -3.14 -11.51
N VAL A 228 12.85 -2.14 -11.47
CA VAL A 228 12.89 -1.04 -12.43
C VAL A 228 12.72 0.24 -11.63
N GLN A 229 13.74 1.10 -11.62
CA GLN A 229 13.65 2.31 -10.81
C GLN A 229 12.54 3.23 -11.29
N ASN A 230 11.73 3.72 -10.35
CA ASN A 230 10.68 4.64 -10.74
C ASN A 230 10.24 5.63 -9.67
N LEU A 231 10.37 5.27 -8.40
CA LEU A 231 9.83 6.10 -7.33
C LEU A 231 10.78 7.22 -6.97
N GLN A 232 10.21 8.37 -6.61
CA GLN A 232 10.99 9.49 -6.06
C GLN A 232 10.31 10.00 -4.80
N VAL A 233 11.13 10.48 -3.87
CA VAL A 233 10.66 11.02 -2.60
C VAL A 233 11.15 12.46 -2.46
N GLU A 234 10.26 13.33 -2.01
CA GLU A 234 10.61 14.72 -1.78
C GLU A 234 11.34 14.86 -0.46
N THR A 235 12.52 15.48 -0.52
CA THR A 235 13.31 15.82 0.65
C THR A 235 13.70 17.30 0.55
N ALA A 236 14.42 17.78 1.57
CA ALA A 236 14.85 19.17 1.54
C ALA A 236 15.75 19.46 0.35
N ALA A 237 16.47 18.45 -0.14
CA ALA A 237 17.32 18.61 -1.32
C ALA A 237 16.58 18.39 -2.64
N GLY A 238 15.25 18.34 -2.61
CA GLY A 238 14.45 18.10 -3.79
C GLY A 238 13.95 16.68 -3.85
N TYR A 239 13.39 16.34 -5.00
CA TYR A 239 12.99 14.96 -5.26
C TYR A 239 14.24 14.13 -5.49
N GLN A 240 14.28 12.96 -4.83
CA GLN A 240 15.40 12.04 -4.87
C GLN A 240 14.90 10.69 -5.34
N ASP A 241 15.72 9.98 -6.12
CA ASP A 241 15.36 8.67 -6.62
C ASP A 241 15.46 7.60 -5.54
N ILE A 242 14.42 6.78 -5.42
CA ILE A 242 14.46 5.59 -4.58
C ILE A 242 14.95 4.43 -5.42
N GLU A 243 16.07 3.83 -5.02
CA GLU A 243 16.59 2.68 -5.74
C GLU A 243 15.59 1.54 -5.70
N ALA A 244 15.50 0.80 -6.80
CA ALA A 244 14.69 -0.40 -6.83
C ALA A 244 15.41 -1.54 -6.12
N ASP A 245 14.61 -2.47 -5.61
CA ASP A 245 15.11 -3.65 -4.92
C ASP A 245 13.92 -4.63 -4.95
N ASP A 246 13.91 -5.50 -5.96
CA ASP A 246 12.84 -6.47 -6.05
C ASP A 246 13.06 -7.70 -5.17
N THR A 247 13.97 -7.62 -4.19
CA THR A 247 14.07 -8.65 -3.16
C THR A 247 13.47 -8.21 -1.84
N GLY A 248 13.39 -6.90 -1.61
CA GLY A 248 12.88 -6.36 -0.37
C GLY A 248 11.51 -5.74 -0.55
N TYR A 249 10.91 -5.36 0.57
CA TYR A 249 9.68 -4.59 0.59
C TYR A 249 10.01 -3.15 0.94
N LEU A 250 9.53 -2.22 0.15
CA LEU A 250 9.69 -0.80 0.42
C LEU A 250 8.59 -0.38 1.37
N ILE A 251 9.00 0.22 2.49
CA ILE A 251 8.09 0.57 3.58
C ILE A 251 8.11 2.09 3.75
N ASN A 252 6.92 2.67 3.93
CA ASN A 252 6.81 4.07 4.32
C ASN A 252 5.54 4.28 5.12
N CYS A 253 5.51 5.38 5.86
CA CYS A 253 4.34 5.75 6.63
C CYS A 253 3.32 6.45 5.75
N GLY A 254 2.04 6.28 6.11
CA GLY A 254 0.96 7.05 5.51
C GLY A 254 0.48 8.14 6.46
N SER A 255 -0.50 8.92 5.99
CA SER A 255 -0.87 10.11 6.74
C SER A 255 -1.60 9.79 8.04
N TYR A 256 -2.11 8.57 8.24
CA TYR A 256 -2.65 8.25 9.56
C TYR A 256 -1.53 8.18 10.60
N MET A 257 -0.36 7.64 10.23
CA MET A 257 0.78 7.64 11.14
C MET A 257 1.22 9.06 11.45
N ALA A 258 1.25 9.93 10.42
CA ALA A 258 1.64 11.31 10.65
C ALA A 258 0.69 11.97 11.63
N HIS A 259 -0.61 11.70 11.48
CA HIS A 259 -1.60 12.24 12.41
C HIS A 259 -1.34 11.77 13.84
N LEU A 260 -1.14 10.46 14.02
CA LEU A 260 -1.02 9.90 15.36
C LEU A 260 0.24 10.37 16.06
N THR A 261 1.32 10.64 15.33
CA THR A 261 2.61 11.01 15.89
C THR A 261 2.87 12.51 15.82
N ASN A 262 1.86 13.30 15.49
CA ASN A 262 2.01 14.74 15.30
C ASN A 262 3.18 15.07 14.38
N ASN A 263 3.26 14.35 13.27
CA ASN A 263 4.26 14.53 12.23
C ASN A 263 5.69 14.21 12.65
N TYR A 264 5.89 13.55 13.81
CA TYR A 264 7.21 13.01 14.14
C TYR A 264 7.65 12.00 13.08
N TYR A 265 6.73 11.12 12.67
CA TYR A 265 6.92 10.28 11.50
C TYR A 265 6.00 10.84 10.44
N LYS A 266 6.58 11.63 9.54
CA LYS A 266 5.82 12.25 8.48
C LYS A 266 5.41 11.19 7.46
N ALA A 267 4.34 11.48 6.74
CA ALA A 267 4.00 10.70 5.57
C ALA A 267 4.80 11.27 4.41
N PRO A 268 5.81 10.58 3.90
CA PRO A 268 6.66 11.20 2.89
C PRO A 268 5.90 11.44 1.60
N ILE A 269 6.15 12.60 1.00
N ILE A 269 6.16 12.61 1.02
CA ILE A 269 5.56 12.91 -0.30
CA ILE A 269 5.65 12.93 -0.31
C ILE A 269 6.40 12.26 -1.38
C ILE A 269 6.45 12.15 -1.34
N HIS A 270 5.76 11.50 -2.25
CA HIS A 270 6.45 10.73 -3.27
C HIS A 270 5.63 10.69 -4.53
N ARG A 271 6.27 10.26 -5.62
CA ARG A 271 5.65 10.24 -6.93
C ARG A 271 6.29 9.13 -7.75
N VAL A 272 5.62 8.78 -8.85
CA VAL A 272 6.00 7.67 -9.72
C VAL A 272 6.46 8.24 -11.06
N LYS A 273 7.73 8.07 -11.40
CA LYS A 273 8.21 8.49 -12.71
C LYS A 273 7.62 7.62 -13.79
N TRP A 274 7.42 8.23 -14.96
CA TRP A 274 7.09 7.49 -16.17
C TRP A 274 8.29 6.71 -16.63
N VAL A 275 8.09 5.41 -16.83
CA VAL A 275 9.08 4.50 -17.36
C VAL A 275 8.38 3.64 -18.40
N ASN A 276 8.95 3.55 -19.60
CA ASN A 276 8.31 2.70 -20.61
C ASN A 276 8.83 1.29 -20.47
N ALA A 277 8.23 0.55 -19.53
CA ALA A 277 8.66 -0.77 -19.16
C ALA A 277 7.45 -1.55 -18.66
N GLU A 278 7.43 -2.83 -19.00
CA GLU A 278 6.46 -3.77 -18.45
C GLU A 278 6.90 -4.13 -17.04
N ARG A 279 6.12 -3.73 -16.04
CA ARG A 279 6.53 -3.97 -14.67
C ARG A 279 5.32 -4.07 -13.77
N GLN A 280 5.58 -4.53 -12.55
CA GLN A 280 4.57 -4.78 -11.54
C GLN A 280 4.82 -3.86 -10.36
N SER A 281 3.72 -3.40 -9.75
CA SER A 281 3.78 -2.64 -8.51
C SER A 281 2.68 -3.19 -7.62
N LEU A 282 3.04 -3.76 -6.47
CA LEU A 282 2.12 -4.58 -5.67
C LEU A 282 2.10 -4.07 -4.23
N PRO A 283 1.39 -2.98 -3.99
CA PRO A 283 1.30 -2.46 -2.62
C PRO A 283 0.30 -3.21 -1.76
N PHE A 284 0.62 -3.26 -0.47
CA PHE A 284 -0.31 -3.62 0.60
C PHE A 284 -0.46 -2.39 1.47
N PHE A 285 -1.66 -1.85 1.52
CA PHE A 285 -1.94 -0.68 2.35
C PHE A 285 -2.41 -1.18 3.71
N VAL A 286 -1.60 -0.90 4.73
CA VAL A 286 -1.87 -1.36 6.09
C VAL A 286 -2.88 -0.38 6.69
N ASN A 287 -4.13 -0.82 6.73
CA ASN A 287 -5.26 -0.09 7.29
C ASN A 287 -5.74 -0.82 8.53
N LEU A 288 -6.25 -0.07 9.51
CA LEU A 288 -6.78 -0.64 10.74
C LEU A 288 -8.26 -1.00 10.53
N GLY A 289 -9.00 -1.20 11.62
CA GLY A 289 -10.41 -1.45 11.52
C GLY A 289 -11.25 -0.19 11.46
N TYR A 290 -12.50 -0.34 11.05
CA TYR A 290 -13.34 0.83 10.80
C TYR A 290 -13.49 1.71 12.03
N ASP A 291 -13.63 1.11 13.21
CA ASP A 291 -13.80 1.85 14.46
C ASP A 291 -12.51 2.09 15.21
N SER A 292 -11.37 1.63 14.68
CA SER A 292 -10.12 1.82 15.37
C SER A 292 -9.81 3.30 15.56
N VAL A 293 -9.46 3.69 16.78
N VAL A 293 -9.56 3.67 16.80
CA VAL A 293 -9.09 5.07 17.03
CA VAL A 293 -9.10 5.00 17.17
C VAL A 293 -7.97 5.09 18.06
C VAL A 293 -7.84 4.83 18.00
N ILE A 294 -6.79 5.56 17.66
CA ILE A 294 -5.64 5.68 18.51
C ILE A 294 -5.52 7.14 18.92
N ASP A 295 -5.38 7.38 20.21
CA ASP A 295 -5.23 8.76 20.69
C ASP A 295 -3.92 9.35 20.18
N PRO A 296 -3.96 10.47 19.46
CA PRO A 296 -2.72 11.08 18.97
C PRO A 296 -1.80 11.47 20.12
N PHE A 297 -0.50 11.39 19.86
CA PHE A 297 0.53 11.72 20.85
C PHE A 297 1.69 12.39 20.13
N ASP A 298 2.69 12.83 20.89
CA ASP A 298 3.84 13.53 20.33
C ASP A 298 5.13 13.08 21.01
N PRO A 299 5.92 12.21 20.35
CA PRO A 299 7.17 11.72 20.96
C PRO A 299 8.28 12.76 21.05
N ARG A 300 8.05 13.98 20.58
CA ARG A 300 8.99 15.06 20.79
C ARG A 300 8.65 15.93 22.00
N GLU A 301 7.50 15.71 22.61
CA GLU A 301 7.01 16.52 23.72
C GLU A 301 7.14 15.76 25.04
N PRO A 302 7.62 16.41 26.12
CA PRO A 302 7.82 15.65 27.37
C PRO A 302 6.63 14.86 27.86
N ASN A 303 5.45 15.48 27.95
CA ASN A 303 4.26 14.76 28.39
C ASN A 303 3.59 13.98 27.26
N GLY A 304 4.20 13.95 26.08
CA GLY A 304 3.66 13.19 24.97
C GLY A 304 2.33 13.69 24.45
N LYS A 305 1.86 14.84 24.91
CA LYS A 305 0.53 15.31 24.52
C LYS A 305 0.54 15.97 23.14
N SER A 306 -0.60 15.85 22.45
CA SER A 306 -0.81 16.34 21.11
C SER A 306 -2.01 17.28 21.06
N ASP A 307 -1.96 18.27 20.17
CA ASP A 307 -3.09 19.16 19.93
C ASP A 307 -3.92 18.71 18.74
N ARG A 308 -3.77 17.45 18.33
CA ARG A 308 -4.62 16.83 17.32
C ARG A 308 -5.77 16.10 17.98
N GLU A 309 -6.92 16.01 17.25
CA GLU A 309 -8.12 15.32 17.69
C GLU A 309 -8.10 13.87 17.25
N PRO A 310 -8.64 12.95 18.05
CA PRO A 310 -8.73 11.56 17.61
C PRO A 310 -9.58 11.44 16.37
N LEU A 311 -9.17 10.51 15.50
CA LEU A 311 -9.80 10.29 14.21
C LEU A 311 -9.96 8.80 14.04
N SER A 312 -11.20 8.35 13.81
CA SER A 312 -11.40 6.93 13.59
C SER A 312 -10.84 6.53 12.24
N TYR A 313 -10.32 5.31 12.16
CA TYR A 313 -9.69 4.88 10.92
C TYR A 313 -10.67 4.84 9.75
N GLY A 314 -11.91 4.41 10.00
CA GLY A 314 -12.90 4.38 8.92
C GLY A 314 -13.19 5.75 8.36
N ASP A 315 -13.31 6.75 9.24
N ASP A 315 -13.29 6.76 9.24
CA ASP A 315 -13.48 8.12 8.75
CA ASP A 315 -13.46 8.14 8.82
C ASP A 315 -12.28 8.55 7.92
C ASP A 315 -12.29 8.59 7.97
N TYR A 316 -11.07 8.32 8.45
CA TYR A 316 -9.87 8.67 7.72
C TYR A 316 -9.84 8.03 6.34
N LEU A 317 -10.12 6.73 6.28
CA LEU A 317 -9.97 5.99 5.03
C LEU A 317 -11.01 6.39 4.01
N GLN A 318 -12.28 6.42 4.38
CA GLN A 318 -13.28 6.78 3.40
C GLN A 318 -12.97 8.15 2.79
N ASN A 319 -12.65 9.13 3.64
CA ASN A 319 -12.40 10.47 3.12
C ASN A 319 -11.11 10.52 2.32
N GLY A 320 -10.09 9.79 2.77
CA GLY A 320 -8.80 9.85 2.11
C GLY A 320 -8.82 9.27 0.72
N LEU A 321 -9.52 8.15 0.53
CA LEU A 321 -9.49 7.51 -0.78
C LEU A 321 -10.20 8.35 -1.82
N VAL A 322 -11.31 8.99 -1.44
CA VAL A 322 -12.00 9.90 -2.34
C VAL A 322 -11.11 11.09 -2.69
N SER A 323 -10.47 11.68 -1.67
CA SER A 323 -9.62 12.84 -1.89
C SER A 323 -8.46 12.52 -2.83
N LEU A 324 -7.86 11.33 -2.68
CA LEU A 324 -6.72 10.99 -3.53
C LEU A 324 -7.15 10.81 -4.98
N ILE A 325 -8.35 10.28 -5.20
CA ILE A 325 -8.88 10.18 -6.57
C ILE A 325 -9.11 11.58 -7.15
N ASN A 326 -9.69 12.48 -6.36
CA ASN A 326 -9.93 13.82 -6.88
C ASN A 326 -8.62 14.55 -7.17
N LYS A 327 -7.59 14.30 -6.35
CA LYS A 327 -6.32 15.01 -6.55
C LYS A 327 -5.53 14.47 -7.74
N ASN A 328 -5.33 13.14 -7.77
CA ASN A 328 -4.41 12.53 -8.74
C ASN A 328 -5.12 11.66 -9.77
N GLY A 329 -6.45 11.62 -9.76
CA GLY A 329 -7.21 10.93 -10.79
C GLY A 329 -7.59 9.52 -10.42
N GLN A 330 -8.66 9.03 -11.06
CA GLN A 330 -9.10 7.64 -10.90
C GLN A 330 -8.07 6.70 -11.50
N THR A 331 -7.50 5.83 -10.66
CA THR A 331 -6.53 4.84 -11.12
C THR A 331 -7.26 3.71 -11.84
S SO4 B . 21.13 -8.03 16.36
O1 SO4 B . 21.68 -8.82 17.45
O2 SO4 B . 20.50 -6.82 16.87
O3 SO4 B . 20.10 -8.82 15.65
O4 SO4 B . 22.20 -7.68 15.43
FE FE C . 2.05 6.18 -2.50
C01 W6X D . 8.72 -12.95 -11.10
C02 W6X D . 10.05 -13.28 -11.78
C03 W6X D . 10.63 -14.69 -11.69
F04 W6X D . 11.99 -14.60 -11.76
F05 W6X D . 10.16 -15.45 -12.71
F06 W6X D . 10.28 -15.30 -10.51
O07 W6X D . 10.63 -12.44 -12.38
H012 W6X D . 8.05 -13.59 -11.35
H011 W6X D . 8.44 -12.05 -11.36
H013 W6X D . 8.84 -12.97 -10.13
C01 W6Z E . 8.78 -13.20 -11.04
C02 W6Z E . 10.28 -12.95 -11.13
C05 W6Z E . 11.00 -14.29 -11.11
F06 W6Z E . 10.61 -15.00 -10.01
F07 W6Z E . 12.35 -14.09 -11.06
F08 W6Z E . 10.66 -14.99 -12.24
O03 W6Z E . 10.58 -12.29 -12.33
O04 W6Z E . 10.69 -12.17 -10.05
H012 W6Z E . 8.58 -13.71 -10.25
H013 W6Z E . 8.48 -13.70 -11.82
H011 W6Z E . 8.32 -12.35 -11.01
H031 W6Z E . 10.93 -12.83 -12.88
H041 W6Z E . 11.27 -12.61 -9.60
C1 ACV F . -7.91 0.64 -1.77
C2 ACV F . -7.08 1.03 -3.00
C3 ACV F . -6.33 2.31 -2.68
C4 ACV F . -5.45 2.79 -3.84
C7 ACV F . -4.79 4.13 -3.53
C10 ACV F . -3.85 4.57 -4.60
N11 ACV F . -2.57 4.32 -4.37
C12 ACV F . -1.50 4.78 -5.24
C13 ACV F . -0.66 3.57 -5.63
N14 ACV F . -7.85 1.15 -4.19
O15 ACV F . -4.25 5.12 -5.63
C16 ACV F . -0.61 5.77 -4.50
S17 ACV F . 0.02 5.13 -2.94
O18 ACV F . -1.02 2.44 -5.36
O19 ACV F . -9.19 0.65 -2.00
O20 ACV F . -7.40 0.37 -0.71
N29 ACV F . 0.48 3.84 -6.29
C30 ACV F . 1.41 2.78 -6.63
C31 ACV F . 1.91 3.00 -8.05
C32 ACV F . 2.57 2.68 -5.62
C33 ACV F . 2.09 2.18 -4.26
C37 ACV F . 3.27 4.03 -5.47
O42 ACV F . 1.40 3.81 -8.81
O43 ACV F . 2.90 2.21 -8.39
H2 ACV F . -6.38 0.22 -3.19
H31 ACV F . -7.04 3.08 -2.41
H32A ACV F . -5.72 2.16 -1.78
H41 ACV F . -4.67 2.06 -4.06
H42 ACV F . -6.02 2.88 -4.76
H71 ACV F . -4.26 4.09 -2.59
H72 ACV F . -5.55 4.91 -3.39
HNB ACV F . -2.27 3.79 -3.56
H12 ACV F . -1.91 5.30 -6.11
HNE1 ACV F . -8.37 0.32 -4.43
HNE2 ACV F . -7.78 2.06 -4.63
H161 ACV F . -1.15 6.69 -4.30
H162 ACV F . 0.23 6.06 -5.13
HNT ACV F . 0.72 4.78 -6.57
H30 ACV F . 0.91 1.81 -6.62
H32 ACV F . 3.29 1.96 -6.02
H331 ACV F . 2.91 2.12 -3.56
H332 ACV F . 1.34 2.85 -3.84
H333 ACV F . 1.64 1.18 -4.34
H371 ACV F . 3.68 4.40 -6.40
H372 ACV F . 2.61 4.81 -5.10
H373 ACV F . 4.10 3.99 -4.77
#